data_6I2B
#
_entry.id   6I2B
#
_cell.length_a   83.726
_cell.length_b   83.726
_cell.length_c   60.267
_cell.angle_alpha   90.00
_cell.angle_beta   90.00
_cell.angle_gamma   90.00
#
_symmetry.space_group_name_H-M   'P 41'
#
loop_
_entity.id
_entity.type
_entity.pdbx_description
1 polymer 'cAMP-dependent protein kinase catalytic subunit alpha'
2 polymer 'UPF0418 protein FAM164A'
3 non-polymer '[2-[(4-isoquinolin-5-ylsulfonyl-1,4-diazepan-1-yl)methyl]phenyl]boronic acid'
4 non-polymer beta-D-ribopyranose
5 water water
#
loop_
_entity_poly.entity_id
_entity_poly.type
_entity_poly.pdbx_seq_one_letter_code
_entity_poly.pdbx_strand_id
1 'polypeptide(L)'
;GHMGNAAAAKKG(SEP)EQESVKEFLAKAKEEFLKKWESPSQNTAQLDHFDRIKTLGTGSFGRVMLVKHKETGNHYAMKI
LDKQKVVKLKQIEHTLNEKRILQAVNFPFLVKLEFSFKDNSNLYMVMEYVPGGEMFSHLRRIGRF(SEP)EPHARFYAAQ
IVLTFEYLHSLDLIYRDLKPENLLIDQQGYIQVTDFGFAKRVKGRTW(TPO)LCGTPEYLAPEIILSKGYNKAVDWWALG
VLIYEMAAGYPPFFADQPIQIYEKIVSGKVRFPSHFSSDLKDLLRNLLQVDLTKRFGNLKNGVNDIKNHKWFATTDWIAI
YQRKVEAPFIPKFKGPGDTSNFDDYEEEEIRV(SEP)INEKCGKEFTEF
;
A
2 'polypeptide(L)' TTTADFIASGRTGRRDAI D
#
# COMPACT_ATOMS: atom_id res chain seq x y z
N ALA A 7 9.47 26.75 -18.99
CA ALA A 7 9.13 25.95 -17.80
C ALA A 7 7.74 25.36 -17.93
N ALA A 8 6.80 26.15 -18.46
CA ALA A 8 5.45 25.66 -18.68
C ALA A 8 5.41 24.64 -19.82
N ALA A 9 6.10 24.94 -20.93
CA ALA A 9 6.17 23.99 -22.03
C ALA A 9 6.97 22.75 -21.67
N LYS A 10 7.89 22.84 -20.71
CA LYS A 10 8.56 21.65 -20.20
C LYS A 10 7.61 20.81 -19.36
N LYS A 11 6.72 21.46 -18.60
CA LYS A 11 5.71 20.71 -17.85
C LYS A 11 4.66 20.11 -18.79
N GLY A 12 4.31 20.83 -19.86
CA GLY A 12 3.39 20.32 -20.84
C GLY A 12 3.94 19.08 -21.52
N GLU A 14 6.27 17.23 -20.27
CA GLU A 14 6.26 16.27 -19.17
C GLU A 14 4.90 15.57 -19.13
N GLN A 15 3.83 16.37 -19.17
CA GLN A 15 2.48 15.81 -19.09
C GLN A 15 2.22 14.87 -20.26
N GLU A 16 2.58 15.28 -21.47
CA GLU A 16 2.38 14.43 -22.64
C GLU A 16 3.21 13.16 -22.53
N SER A 17 4.42 13.25 -21.97
CA SER A 17 5.22 12.06 -21.71
C SER A 17 4.47 11.10 -20.78
N VAL A 18 3.73 11.66 -19.83
CA VAL A 18 3.03 10.84 -18.85
C VAL A 18 1.87 10.13 -19.51
N LYS A 19 1.05 10.86 -20.27
CA LYS A 19 -0.02 10.24 -21.03
C LYS A 19 0.52 9.10 -21.89
N GLU A 20 1.59 9.37 -22.65
CA GLU A 20 2.16 8.34 -23.50
C GLU A 20 2.64 7.14 -22.69
N PHE A 21 3.30 7.40 -21.57
CA PHE A 21 3.75 6.30 -20.72
C PHE A 21 2.59 5.44 -20.24
N LEU A 22 1.49 6.09 -19.81
CA LEU A 22 0.37 5.35 -19.23
C LEU A 22 -0.33 4.49 -20.28
N ALA A 23 -0.51 5.02 -21.48
CA ALA A 23 -1.14 4.22 -22.53
C ALA A 23 -0.33 2.96 -22.80
N LYS A 24 1.00 3.10 -22.85
CA LYS A 24 1.87 1.93 -23.01
C LYS A 24 1.78 0.98 -21.82
N ALA A 25 1.80 1.52 -20.60
CA ALA A 25 1.72 0.67 -19.42
C ALA A 25 0.42 -0.11 -19.39
N LYS A 26 -0.67 0.50 -19.83
CA LYS A 26 -1.96 -0.19 -19.86
C LYS A 26 -1.95 -1.33 -20.88
N GLU A 27 -1.41 -1.09 -22.06
CA GLU A 27 -1.25 -2.15 -23.05
C GLU A 27 -0.57 -3.36 -22.41
N GLU A 28 0.59 -3.14 -21.77
CA GLU A 28 1.36 -4.24 -21.19
C GLU A 28 0.65 -4.86 -19.99
N PHE A 29 -0.09 -4.04 -19.23
CA PHE A 29 -0.84 -4.58 -18.10
C PHE A 29 -1.92 -5.53 -18.60
N LEU A 30 -2.72 -5.07 -19.57
CA LEU A 30 -3.83 -5.88 -20.05
C LEU A 30 -3.32 -7.20 -20.63
N LYS A 31 -2.11 -7.21 -21.19
CA LYS A 31 -1.54 -8.44 -21.73
C LYS A 31 -1.29 -9.46 -20.63
N LYS A 32 -0.46 -9.08 -19.65
CA LYS A 32 -0.21 -9.95 -18.50
C LYS A 32 -1.49 -10.22 -17.72
N TRP A 33 -2.45 -9.30 -17.76
CA TRP A 33 -3.68 -9.43 -17.01
C TRP A 33 -4.62 -10.45 -17.63
N GLU A 34 -4.58 -10.59 -18.96
CA GLU A 34 -5.48 -11.52 -19.64
C GLU A 34 -4.93 -12.94 -19.67
N SER A 35 -3.61 -13.12 -19.68
CA SER A 35 -2.98 -14.44 -19.57
C SER A 35 -1.94 -14.37 -18.46
N PRO A 36 -2.36 -14.53 -17.20
CA PRO A 36 -1.40 -14.41 -16.09
C PRO A 36 -0.44 -15.59 -16.06
N SER A 37 0.74 -15.34 -15.50
CA SER A 37 1.67 -16.42 -15.23
C SER A 37 1.14 -17.30 -14.10
N GLN A 38 1.58 -18.56 -14.10
CA GLN A 38 1.23 -19.53 -13.06
C GLN A 38 2.42 -20.44 -12.79
N ASN A 39 2.41 -21.03 -11.59
CA ASN A 39 3.38 -22.06 -11.23
C ASN A 39 4.76 -21.80 -11.81
N THR A 40 5.39 -20.70 -11.41
CA THR A 40 6.69 -20.30 -11.94
C THR A 40 7.84 -20.70 -11.03
N ALA A 41 7.58 -21.58 -10.07
CA ALA A 41 8.60 -22.11 -9.16
C ALA A 41 7.94 -23.16 -8.28
N GLN A 42 8.68 -23.70 -7.33
CA GLN A 42 8.17 -24.73 -6.43
C GLN A 42 8.85 -24.57 -5.07
N LEU A 43 8.24 -25.17 -4.06
CA LEU A 43 8.66 -24.90 -2.69
C LEU A 43 10.13 -25.29 -2.47
N ASP A 44 10.55 -26.43 -3.02
CA ASP A 44 11.88 -26.94 -2.74
C ASP A 44 13.00 -26.05 -3.29
N HIS A 45 12.69 -25.10 -4.16
CA HIS A 45 13.70 -24.20 -4.68
C HIS A 45 14.18 -23.19 -3.64
N PHE A 46 13.64 -23.20 -2.42
CA PHE A 46 13.91 -22.16 -1.44
C PHE A 46 14.30 -22.77 -0.09
N ASP A 47 15.26 -22.13 0.56
CA ASP A 47 15.60 -22.43 1.95
C ASP A 47 14.88 -21.43 2.85
N ARG A 48 14.03 -21.94 3.74
CA ARG A 48 13.36 -21.07 4.68
C ARG A 48 14.34 -20.62 5.76
N ILE A 49 14.29 -19.32 6.08
CA ILE A 49 15.20 -18.71 7.05
C ILE A 49 14.48 -18.35 8.34
N LYS A 50 13.41 -17.55 8.26
CA LYS A 50 12.76 -17.03 9.45
C LYS A 50 11.35 -16.57 9.09
N THR A 51 10.43 -16.65 10.05
CA THR A 51 9.10 -16.12 9.87
C THR A 51 9.08 -14.61 10.15
N LEU A 52 8.59 -13.84 9.20
CA LEU A 52 8.56 -12.38 9.30
C LEU A 52 7.20 -11.82 9.66
N GLY A 53 6.14 -12.61 9.55
CA GLY A 53 4.82 -12.12 9.88
C GLY A 53 3.81 -13.25 9.90
N THR A 54 2.73 -13.02 10.64
CA THR A 54 1.63 -13.98 10.71
C THR A 54 0.32 -13.24 10.52
N GLY A 55 -0.69 -13.99 10.05
CA GLY A 55 -1.98 -13.40 9.75
C GLY A 55 -3.04 -14.46 9.87
N SER A 56 -4.29 -14.01 9.82
CA SER A 56 -5.41 -14.92 10.07
C SER A 56 -5.41 -16.10 9.10
N PHE A 57 -4.94 -15.93 7.86
CA PHE A 57 -4.95 -17.07 6.92
C PHE A 57 -3.59 -17.35 6.30
N GLY A 58 -2.49 -16.93 6.92
CA GLY A 58 -1.19 -17.34 6.43
C GLY A 58 -0.04 -16.67 7.17
N ARG A 59 1.12 -16.73 6.53
CA ARG A 59 2.37 -16.27 7.12
C ARG A 59 3.27 -15.75 6.02
N VAL A 60 4.24 -14.93 6.42
CA VAL A 60 5.30 -14.47 5.54
C VAL A 60 6.62 -14.97 6.10
N MET A 61 7.47 -15.47 5.23
CA MET A 61 8.74 -16.02 5.65
C MET A 61 9.87 -15.48 4.79
N LEU A 62 10.98 -15.17 5.43
CA LEU A 62 12.21 -14.90 4.71
C LEU A 62 12.77 -16.21 4.18
N VAL A 63 13.00 -16.26 2.86
CA VAL A 63 13.57 -17.44 2.23
C VAL A 63 14.74 -17.01 1.36
N LYS A 64 15.58 -18.00 1.01
CA LYS A 64 16.76 -17.79 0.20
C LYS A 64 16.74 -18.80 -0.94
N HIS A 65 16.77 -18.32 -2.18
CA HIS A 65 16.78 -19.18 -3.34
C HIS A 65 18.12 -19.92 -3.40
N LYS A 66 18.05 -21.25 -3.40
CA LYS A 66 19.27 -22.05 -3.23
C LYS A 66 20.25 -21.81 -4.38
N GLU A 67 19.75 -21.78 -5.62
CA GLU A 67 20.64 -21.67 -6.77
C GLU A 67 21.18 -20.25 -6.94
N THR A 68 20.33 -19.24 -6.72
CA THR A 68 20.72 -17.85 -6.89
C THR A 68 21.24 -17.20 -5.62
N GLY A 69 20.86 -17.72 -4.44
CA GLY A 69 21.21 -17.08 -3.19
C GLY A 69 20.44 -15.80 -2.88
N ASN A 70 19.60 -15.32 -3.80
CA ASN A 70 18.81 -14.13 -3.53
C ASN A 70 17.78 -14.40 -2.45
N HIS A 71 17.49 -13.36 -1.66
CA HIS A 71 16.51 -13.43 -0.58
C HIS A 71 15.15 -12.95 -1.05
N TYR A 72 14.10 -13.59 -0.56
CA TYR A 72 12.74 -13.27 -0.94
C TYR A 72 11.86 -13.29 0.31
N ALA A 73 10.82 -12.47 0.29
CA ALA A 73 9.70 -12.65 1.20
C ALA A 73 8.69 -13.55 0.53
N MET A 74 8.37 -14.67 1.19
CA MET A 74 7.43 -15.68 0.68
C MET A 74 6.16 -15.58 1.50
N LYS A 75 5.07 -15.19 0.84
CA LYS A 75 3.76 -15.06 1.49
C LYS A 75 3.00 -16.36 1.25
N ILE A 76 2.75 -17.10 2.34
CA ILE A 76 2.14 -18.43 2.29
C ILE A 76 0.72 -18.33 2.85
N LEU A 77 -0.27 -18.65 2.02
CA LEU A 77 -1.66 -18.57 2.41
C LEU A 77 -2.26 -19.96 2.48
N ASP A 78 -2.92 -20.26 3.60
CA ASP A 78 -3.61 -21.54 3.80
C ASP A 78 -4.93 -21.52 3.05
N LYS A 79 -5.06 -22.35 2.02
CA LYS A 79 -6.23 -22.32 1.17
C LYS A 79 -7.51 -22.47 1.99
N GLN A 80 -7.52 -23.41 2.93
CA GLN A 80 -8.73 -23.71 3.67
C GLN A 80 -9.17 -22.52 4.51
N LYS A 81 -8.21 -21.79 5.08
CA LYS A 81 -8.56 -20.61 5.86
C LYS A 81 -8.99 -19.46 4.97
N VAL A 82 -8.32 -19.27 3.83
CA VAL A 82 -8.78 -18.28 2.88
C VAL A 82 -10.25 -18.49 2.57
N VAL A 83 -10.63 -19.73 2.31
CA VAL A 83 -12.02 -20.04 1.97
C VAL A 83 -12.93 -19.76 3.17
N LYS A 84 -12.57 -20.29 4.34
CA LYS A 84 -13.41 -20.10 5.52
C LYS A 84 -13.66 -18.62 5.80
N LEU A 85 -12.62 -17.80 5.67
CA LEU A 85 -12.75 -16.38 5.98
C LEU A 85 -13.21 -15.55 4.79
N LYS A 86 -13.63 -16.21 3.71
CA LYS A 86 -14.24 -15.54 2.55
C LYS A 86 -13.29 -14.55 1.89
N GLN A 87 -12.04 -14.99 1.69
CA GLN A 87 -11.01 -14.15 1.08
C GLN A 87 -10.56 -14.67 -0.28
N ILE A 88 -11.35 -15.54 -0.91
CA ILE A 88 -10.94 -16.14 -2.17
C ILE A 88 -10.68 -15.07 -3.22
N GLU A 89 -11.65 -14.17 -3.42
CA GLU A 89 -11.53 -13.18 -4.50
C GLU A 89 -10.37 -12.23 -4.24
N HIS A 90 -10.22 -11.76 -3.00
CA HIS A 90 -9.11 -10.87 -2.65
C HIS A 90 -7.77 -11.52 -2.93
N THR A 91 -7.61 -12.79 -2.55
CA THR A 91 -6.33 -13.48 -2.72
C THR A 91 -6.04 -13.74 -4.20
N LEU A 92 -7.02 -14.26 -4.93
CA LEU A 92 -6.85 -14.37 -6.38
C LEU A 92 -6.52 -13.01 -7.00
N ASN A 93 -7.22 -11.97 -6.56
CA ASN A 93 -6.97 -10.62 -7.09
C ASN A 93 -5.55 -10.16 -6.80
N GLU A 94 -5.05 -10.45 -5.60
CA GLU A 94 -3.73 -9.95 -5.21
C GLU A 94 -2.66 -10.50 -6.14
N LYS A 95 -2.64 -11.82 -6.33
CA LYS A 95 -1.64 -12.43 -7.21
C LYS A 95 -1.80 -11.96 -8.64
N ARG A 96 -3.02 -11.96 -9.16
CA ARG A 96 -3.23 -11.60 -10.56
C ARG A 96 -2.81 -10.16 -10.83
N ILE A 97 -3.13 -9.24 -9.92
CA ILE A 97 -2.70 -7.86 -10.10
C ILE A 97 -1.19 -7.77 -10.02
N LEU A 98 -0.58 -8.35 -8.97
CA LEU A 98 0.86 -8.21 -8.78
C LEU A 98 1.66 -8.77 -9.95
N GLN A 99 1.22 -9.89 -10.53
CA GLN A 99 1.98 -10.43 -11.65
C GLN A 99 1.79 -9.62 -12.93
N ALA A 100 0.82 -8.71 -12.95
CA ALA A 100 0.50 -7.92 -14.14
C ALA A 100 1.00 -6.48 -14.08
N VAL A 101 1.13 -5.90 -12.88
CA VAL A 101 1.53 -4.49 -12.77
C VAL A 101 3.04 -4.36 -12.90
N ASN A 102 3.49 -3.13 -13.14
CA ASN A 102 4.91 -2.85 -13.33
C ASN A 102 5.14 -1.37 -13.03
N PHE A 103 5.69 -1.07 -11.85
CA PHE A 103 5.90 0.32 -11.48
C PHE A 103 6.98 0.39 -10.40
N PRO A 104 7.80 1.45 -10.39
CA PRO A 104 8.97 1.45 -9.50
C PRO A 104 8.65 1.34 -8.02
N PHE A 105 7.46 1.74 -7.57
CA PHE A 105 7.15 1.80 -6.15
C PHE A 105 6.17 0.72 -5.71
N LEU A 106 6.16 -0.39 -6.46
CA LEU A 106 5.40 -1.58 -6.09
C LEU A 106 6.38 -2.69 -5.73
N VAL A 107 5.92 -3.63 -4.90
CA VAL A 107 6.73 -4.82 -4.62
C VAL A 107 6.78 -5.69 -5.87
N LYS A 108 7.86 -6.46 -5.99
CA LYS A 108 8.15 -7.23 -7.19
C LYS A 108 7.80 -8.69 -6.93
N LEU A 109 6.75 -9.17 -7.59
CA LEU A 109 6.41 -10.58 -7.52
C LEU A 109 7.28 -11.35 -8.51
N GLU A 110 8.13 -12.24 -7.98
CA GLU A 110 9.04 -13.01 -8.82
C GLU A 110 8.47 -14.39 -9.16
N PHE A 111 7.86 -15.06 -8.20
CA PHE A 111 7.35 -16.41 -8.41
C PHE A 111 6.04 -16.59 -7.67
N SER A 112 5.19 -17.45 -8.22
CA SER A 112 3.98 -17.89 -7.54
C SER A 112 3.75 -19.35 -7.89
N PHE A 113 3.07 -20.04 -6.97
CA PHE A 113 2.73 -21.44 -7.18
C PHE A 113 1.80 -21.85 -6.05
N LYS A 114 1.23 -23.04 -6.19
CA LYS A 114 0.35 -23.61 -5.19
C LYS A 114 0.69 -25.08 -5.02
N ASP A 115 0.26 -25.65 -3.89
CA ASP A 115 0.33 -27.09 -3.70
C ASP A 115 -1.01 -27.54 -3.13
N ASN A 116 -1.04 -28.75 -2.57
CA ASN A 116 -2.30 -29.30 -2.06
C ASN A 116 -2.95 -28.35 -1.06
N SER A 117 -2.15 -27.68 -0.23
CA SER A 117 -2.69 -26.92 0.89
C SER A 117 -2.59 -25.41 0.75
N ASN A 118 -1.54 -24.87 0.12
CA ASN A 118 -1.22 -23.46 0.24
C ASN A 118 -1.08 -22.77 -1.10
N LEU A 119 -1.10 -21.44 -1.02
CA LEU A 119 -0.78 -20.53 -2.11
C LEU A 119 0.49 -19.78 -1.73
N TYR A 120 1.35 -19.56 -2.72
CA TYR A 120 2.66 -18.94 -2.50
C TYR A 120 2.85 -17.76 -3.44
N MET A 121 3.26 -16.62 -2.88
CA MET A 121 3.73 -15.48 -3.64
C MET A 121 5.10 -15.12 -3.13
N VAL A 122 6.05 -14.94 -4.05
CA VAL A 122 7.47 -14.84 -3.73
C VAL A 122 7.96 -13.49 -4.25
N MET A 123 8.29 -12.57 -3.34
CA MET A 123 8.69 -11.22 -3.69
C MET A 123 10.12 -10.95 -3.29
N GLU A 124 10.76 -10.05 -4.03
CA GLU A 124 12.10 -9.60 -3.66
C GLU A 124 12.11 -9.07 -2.24
N TYR A 125 13.08 -9.52 -1.45
CA TYR A 125 13.13 -9.22 -0.03
C TYR A 125 13.62 -7.79 0.19
N VAL A 126 12.88 -7.05 1.01
CA VAL A 126 13.24 -5.69 1.40
C VAL A 126 13.60 -5.65 2.88
N PRO A 127 14.88 -5.67 3.25
CA PRO A 127 15.23 -5.78 4.68
C PRO A 127 14.82 -4.56 5.52
N GLY A 128 14.66 -3.38 4.90
CA GLY A 128 14.30 -2.19 5.64
C GLY A 128 12.97 -2.29 6.37
N GLY A 129 12.07 -3.16 5.92
CA GLY A 129 10.81 -3.32 6.61
C GLY A 129 9.79 -2.25 6.24
N GLU A 130 8.77 -2.18 7.08
CA GLU A 130 7.61 -1.34 6.81
C GLU A 130 7.79 0.06 7.37
N MET A 131 7.25 1.05 6.65
CA MET A 131 7.29 2.42 7.15
C MET A 131 6.75 2.49 8.57
N PHE A 132 5.76 1.66 8.88
CA PHE A 132 5.08 1.76 10.17
C PHE A 132 6.07 1.74 11.34
N SER A 133 6.92 0.73 11.40
N SER A 133 6.91 0.72 11.40
CA SER A 133 7.84 0.60 12.52
CA SER A 133 7.84 0.61 12.53
C SER A 133 8.76 1.81 12.62
C SER A 133 8.75 1.83 12.62
N HIS A 134 9.27 2.30 11.48
CA HIS A 134 10.17 3.44 11.51
C HIS A 134 9.44 4.71 11.92
N LEU A 135 8.21 4.90 11.42
CA LEU A 135 7.44 6.09 11.78
C LEU A 135 7.15 6.11 13.28
N ARG A 136 6.75 4.98 13.84
CA ARG A 136 6.44 4.95 15.26
C ARG A 136 7.67 5.19 16.11
N ARG A 137 8.83 4.70 15.68
CA ARG A 137 10.05 4.84 16.46
C ARG A 137 10.61 6.25 16.38
N ILE A 138 10.68 6.81 15.17
CA ILE A 138 11.23 8.15 15.00
C ILE A 138 10.24 9.20 15.51
N GLY A 139 8.95 8.88 15.49
CA GLY A 139 7.91 9.76 15.98
C GLY A 139 7.11 10.39 14.86
N ARG A 140 7.76 11.27 14.10
CA ARG A 140 7.12 11.87 12.94
C ARG A 140 8.21 12.23 11.95
N PHE A 141 7.80 12.40 10.70
CA PHE A 141 8.71 12.79 9.63
C PHE A 141 8.56 14.28 9.38
N GLU A 143 8.42 17.68 7.01
CA GLU A 143 7.58 17.86 5.83
C GLU A 143 8.32 17.43 4.56
N PRO A 144 9.57 17.87 4.35
CA PRO A 144 10.32 17.36 3.19
C PRO A 144 10.37 15.84 3.16
N HIS A 145 10.61 15.22 4.32
CA HIS A 145 10.65 13.76 4.41
C HIS A 145 9.30 13.14 4.04
N ALA A 146 8.21 13.65 4.65
CA ALA A 146 6.87 13.17 4.31
C ALA A 146 6.58 13.40 2.83
N ARG A 147 6.99 14.54 2.29
CA ARG A 147 6.70 14.85 0.90
C ARG A 147 7.37 13.84 -0.04
N PHE A 148 8.60 13.43 0.28
CA PHE A 148 9.30 12.43 -0.54
C PHE A 148 8.44 11.18 -0.71
N TYR A 149 7.94 10.63 0.39
CA TYR A 149 7.10 9.44 0.32
C TYR A 149 5.77 9.74 -0.38
N ALA A 150 5.16 10.86 -0.04
CA ALA A 150 3.85 11.17 -0.61
C ALA A 150 3.94 11.27 -2.12
N ALA A 151 5.04 11.84 -2.64
CA ALA A 151 5.20 11.98 -4.08
C ALA A 151 5.16 10.62 -4.77
N GLN A 152 5.75 9.60 -4.14
CA GLN A 152 5.74 8.26 -4.73
C GLN A 152 4.35 7.65 -4.69
N ILE A 153 3.57 7.92 -3.64
CA ILE A 153 2.20 7.41 -3.63
C ILE A 153 1.37 8.09 -4.71
N VAL A 154 1.58 9.39 -4.92
CA VAL A 154 0.82 10.10 -5.95
C VAL A 154 1.03 9.47 -7.31
N LEU A 155 2.29 9.25 -7.68
CA LEU A 155 2.59 8.61 -8.96
C LEU A 155 2.04 7.20 -9.02
N THR A 156 2.13 6.46 -7.92
CA THR A 156 1.62 5.10 -7.90
C THR A 156 0.11 5.09 -8.12
N PHE A 157 -0.60 6.03 -7.52
CA PHE A 157 -2.04 6.07 -7.69
C PHE A 157 -2.41 6.54 -9.09
N GLU A 158 -1.66 7.50 -9.64
CA GLU A 158 -1.88 7.86 -11.04
C GLU A 158 -1.75 6.63 -11.93
N TYR A 159 -0.73 5.80 -11.67
CA TYR A 159 -0.54 4.58 -12.42
C TYR A 159 -1.69 3.60 -12.21
N LEU A 160 -1.96 3.23 -10.95
CA LEU A 160 -3.01 2.24 -10.69
C LEU A 160 -4.35 2.70 -11.22
N HIS A 161 -4.70 3.97 -11.00
CA HIS A 161 -5.99 4.48 -11.43
C HIS A 161 -6.10 4.49 -12.95
N SER A 162 -5.01 4.75 -13.66
CA SER A 162 -5.06 4.72 -15.12
C SER A 162 -5.47 3.33 -15.62
N LEU A 163 -5.16 2.29 -14.86
CA LEU A 163 -5.57 0.93 -15.19
C LEU A 163 -6.96 0.60 -14.66
N ASP A 164 -7.68 1.59 -14.12
CA ASP A 164 -8.99 1.40 -13.49
C ASP A 164 -8.90 0.58 -12.20
N LEU A 165 -7.74 0.61 -11.54
CA LEU A 165 -7.53 -0.10 -10.28
C LEU A 165 -7.69 0.85 -9.12
N ILE A 166 -8.67 0.60 -8.26
CA ILE A 166 -8.78 1.27 -6.98
C ILE A 166 -7.94 0.48 -5.99
N TYR A 167 -7.22 1.18 -5.13
CA TYR A 167 -6.24 0.50 -4.28
C TYR A 167 -6.83 0.12 -2.92
N ARG A 168 -7.39 1.08 -2.19
CA ARG A 168 -8.21 0.83 -1.00
C ARG A 168 -7.46 0.29 0.21
N ASP A 169 -6.13 0.16 0.19
CA ASP A 169 -5.43 -0.46 1.32
C ASP A 169 -4.24 0.37 1.80
N LEU A 170 -4.25 1.68 1.54
CA LEU A 170 -3.11 2.52 1.90
C LEU A 170 -3.01 2.71 3.40
N LYS A 171 -1.82 2.43 3.93
CA LYS A 171 -1.46 2.75 5.31
C LYS A 171 0.03 2.44 5.47
N PRO A 172 0.67 3.02 6.49
CA PRO A 172 2.12 2.76 6.67
C PRO A 172 2.44 1.29 6.82
N GLU A 173 1.48 0.51 7.33
CA GLU A 173 1.68 -0.92 7.46
C GLU A 173 1.96 -1.59 6.12
N ASN A 174 1.44 -1.03 5.01
CA ASN A 174 1.53 -1.68 3.71
C ASN A 174 2.54 -1.00 2.80
N LEU A 175 3.53 -0.33 3.39
CA LEU A 175 4.54 0.39 2.64
C LEU A 175 5.90 0.01 3.21
N LEU A 176 6.79 -0.48 2.36
CA LEU A 176 8.17 -0.82 2.72
C LEU A 176 9.12 0.31 2.34
N ILE A 177 10.26 0.37 3.03
CA ILE A 177 11.31 1.33 2.72
C ILE A 177 12.52 0.52 2.23
N ASP A 178 12.83 0.64 0.94
CA ASP A 178 13.85 -0.21 0.34
C ASP A 178 15.24 0.36 0.60
N GLN A 179 16.25 -0.35 0.07
CA GLN A 179 17.62 -0.05 0.44
C GLN A 179 18.09 1.29 -0.12
N GLN A 180 17.38 1.87 -1.08
CA GLN A 180 17.61 3.25 -1.51
C GLN A 180 16.71 4.26 -0.78
N GLY A 181 15.99 3.84 0.24
CA GLY A 181 15.07 4.73 0.93
C GLY A 181 13.78 5.01 0.19
N TYR A 182 13.48 4.26 -0.86
CA TYR A 182 12.27 4.47 -1.65
C TYR A 182 11.20 3.50 -1.18
N ILE A 183 9.97 3.77 -1.60
CA ILE A 183 8.79 3.06 -1.11
C ILE A 183 8.48 1.88 -2.03
N GLN A 184 7.93 0.82 -1.42
CA GLN A 184 7.32 -0.29 -2.14
C GLN A 184 5.96 -0.58 -1.52
N VAL A 185 4.90 -0.43 -2.31
CA VAL A 185 3.55 -0.77 -1.88
C VAL A 185 3.39 -2.28 -1.93
N THR A 186 2.86 -2.87 -0.86
CA THR A 186 2.89 -4.32 -0.67
C THR A 186 1.60 -5.04 -1.05
N ASP A 187 0.45 -4.56 -0.59
CA ASP A 187 -0.75 -5.38 -0.58
C ASP A 187 -1.71 -4.99 -1.70
N PHE A 188 -2.30 -6.00 -2.32
CA PHE A 188 -3.26 -5.76 -3.39
C PHE A 188 -4.49 -6.66 -3.25
N GLY A 189 -4.69 -7.27 -2.09
CA GLY A 189 -5.88 -8.08 -1.90
C GLY A 189 -7.15 -7.26 -2.09
N PHE A 190 -7.16 -6.02 -1.60
CA PHE A 190 -8.32 -5.16 -1.72
C PHE A 190 -8.35 -4.36 -3.02
N ALA A 191 -7.32 -4.44 -3.83
CA ALA A 191 -7.33 -3.72 -5.10
C ALA A 191 -8.36 -4.35 -6.02
N LYS A 192 -9.01 -3.52 -6.82
CA LYS A 192 -10.12 -3.98 -7.64
C LYS A 192 -10.22 -3.15 -8.91
N ARG A 193 -10.35 -3.84 -10.05
CA ARG A 193 -10.59 -3.16 -11.30
C ARG A 193 -12.03 -2.68 -11.33
N VAL A 194 -12.23 -1.38 -11.43
CA VAL A 194 -13.58 -0.84 -11.43
C VAL A 194 -13.61 0.43 -12.26
N LYS A 195 -14.68 0.59 -13.01
CA LYS A 195 -15.03 1.84 -13.68
C LYS A 195 -16.24 2.40 -12.97
N GLY A 196 -16.08 3.55 -12.34
CA GLY A 196 -17.16 4.10 -11.56
C GLY A 196 -17.10 3.64 -10.12
N ARG A 197 -18.24 3.31 -9.54
CA ARG A 197 -18.32 3.10 -8.10
C ARG A 197 -18.34 1.62 -7.75
N THR A 198 -18.06 1.35 -6.47
CA THR A 198 -18.09 0.01 -5.91
C THR A 198 -18.55 0.18 -4.46
N TRP A 199 -18.85 -0.93 -3.80
CA TRP A 199 -19.57 -0.85 -2.53
C TRP A 199 -19.02 -1.69 -1.37
N LEU A 201 -17.37 -2.86 1.83
CA LEU A 201 -16.88 -2.19 3.02
C LEU A 201 -15.58 -2.84 3.44
N CYS A 202 -14.47 -2.23 3.03
CA CYS A 202 -13.14 -2.78 3.30
C CYS A 202 -12.16 -1.64 3.51
N GLY A 203 -11.06 -1.97 4.22
CA GLY A 203 -10.03 -1.01 4.54
C GLY A 203 -9.73 -1.02 6.01
N THR A 204 -9.04 0.03 6.45
CA THR A 204 -8.61 0.18 7.83
C THR A 204 -9.28 1.41 8.44
N PRO A 205 -9.84 1.31 9.65
CA PRO A 205 -10.70 2.41 10.15
C PRO A 205 -10.10 3.80 10.02
N GLU A 206 -8.86 4.00 10.46
CA GLU A 206 -8.28 5.34 10.46
C GLU A 206 -8.22 5.92 9.04
N TYR A 207 -8.17 5.06 8.02
CA TYR A 207 -7.92 5.51 6.65
C TYR A 207 -9.19 5.55 5.80
N LEU A 208 -10.35 5.23 6.36
CA LEU A 208 -11.57 5.11 5.59
C LEU A 208 -12.13 6.46 5.21
N ALA A 209 -12.46 6.62 3.94
CA ALA A 209 -13.13 7.83 3.50
C ALA A 209 -14.57 7.86 4.03
N PRO A 210 -15.14 9.06 4.20
CA PRO A 210 -16.52 9.13 4.74
C PRO A 210 -17.55 8.37 3.93
N GLU A 211 -17.44 8.39 2.60
CA GLU A 211 -18.42 7.72 1.75
C GLU A 211 -18.34 6.20 1.88
N ILE A 212 -17.17 5.66 2.26
CA ILE A 212 -17.12 4.24 2.62
C ILE A 212 -17.93 3.99 3.89
N ILE A 213 -17.65 4.77 4.94
CA ILE A 213 -18.37 4.61 6.21
C ILE A 213 -19.86 4.75 6.00
N LEU A 214 -20.28 5.72 5.20
CA LEU A 214 -21.69 6.01 5.03
C LEU A 214 -22.40 5.02 4.14
N SER A 215 -21.73 3.92 3.77
CA SER A 215 -22.35 2.80 3.05
C SER A 215 -23.03 3.25 1.76
N LYS A 216 -22.62 4.40 1.24
CA LYS A 216 -22.92 4.68 -0.15
C LYS A 216 -21.79 4.15 -1.01
N GLY A 217 -22.02 4.10 -2.30
CA GLY A 217 -20.96 3.74 -3.22
C GLY A 217 -19.77 4.66 -3.04
N TYR A 218 -18.66 4.24 -3.64
CA TYR A 218 -17.48 5.06 -3.66
C TYR A 218 -16.64 4.72 -4.87
N ASN A 219 -15.73 5.62 -5.20
CA ASN A 219 -14.88 5.48 -6.37
C ASN A 219 -13.45 5.70 -5.88
N LYS A 220 -12.55 5.91 -6.84
CA LYS A 220 -11.12 6.02 -6.54
C LYS A 220 -10.77 7.22 -5.69
N ALA A 221 -11.71 8.16 -5.51
CA ALA A 221 -11.49 9.27 -4.61
C ALA A 221 -11.13 8.81 -3.20
N VAL A 222 -11.49 7.59 -2.80
CA VAL A 222 -11.15 7.10 -1.46
C VAL A 222 -9.65 6.96 -1.31
N ASP A 223 -8.94 6.67 -2.40
CA ASP A 223 -7.49 6.56 -2.35
C ASP A 223 -6.85 7.93 -2.12
N TRP A 224 -7.42 8.98 -2.71
CA TRP A 224 -6.87 10.33 -2.47
C TRP A 224 -7.18 10.79 -1.05
N TRP A 225 -8.35 10.42 -0.52
CA TRP A 225 -8.60 10.67 0.89
C TRP A 225 -7.55 9.97 1.75
N ALA A 226 -7.29 8.70 1.45
CA ALA A 226 -6.32 7.92 2.22
C ALA A 226 -4.94 8.52 2.12
N LEU A 227 -4.58 9.05 0.95
CA LEU A 227 -3.32 9.78 0.85
C LEU A 227 -3.27 10.92 1.84
N GLY A 228 -4.38 11.67 1.97
CA GLY A 228 -4.43 12.74 2.94
C GLY A 228 -4.19 12.24 4.35
N VAL A 229 -4.78 11.10 4.68
CA VAL A 229 -4.59 10.50 6.00
C VAL A 229 -3.12 10.13 6.19
N LEU A 230 -2.52 9.53 5.15
CA LEU A 230 -1.13 9.09 5.23
C LEU A 230 -0.20 10.27 5.41
N ILE A 231 -0.38 11.32 4.61
CA ILE A 231 0.47 12.49 4.75
C ILE A 231 0.34 13.07 6.15
N TYR A 232 -0.89 13.23 6.62
CA TYR A 232 -1.11 13.74 7.97
C TYR A 232 -0.41 12.88 9.02
N GLU A 233 -0.56 11.55 8.94
CA GLU A 233 0.04 10.71 9.96
C GLU A 233 1.56 10.72 9.89
N MET A 234 2.13 10.78 8.69
CA MET A 234 3.58 10.86 8.56
C MET A 234 4.12 12.16 9.15
N ALA A 235 3.43 13.26 8.89
CA ALA A 235 3.95 14.57 9.26
C ALA A 235 3.64 14.95 10.69
N ALA A 236 2.55 14.42 11.27
CA ALA A 236 2.18 14.73 12.65
C ALA A 236 2.66 13.69 13.65
N GLY A 237 2.78 12.43 13.24
CA GLY A 237 3.10 11.36 14.16
C GLY A 237 1.90 10.60 14.66
N TYR A 238 0.69 11.03 14.30
CA TYR A 238 -0.56 10.40 14.67
C TYR A 238 -1.56 10.67 13.57
N PRO A 239 -2.59 9.85 13.45
CA PRO A 239 -3.55 10.05 12.35
C PRO A 239 -4.51 11.18 12.66
N PRO A 240 -5.19 11.71 11.64
CA PRO A 240 -6.11 12.84 11.88
C PRO A 240 -7.36 12.45 12.62
N PHE A 241 -7.74 11.17 12.60
CA PHE A 241 -8.92 10.70 13.28
C PHE A 241 -8.51 9.44 14.04
N PHE A 242 -8.45 9.54 15.37
CA PHE A 242 -8.13 8.38 16.18
C PHE A 242 -9.01 8.39 17.42
N ALA A 243 -9.22 7.20 17.97
CA ALA A 243 -10.05 6.98 19.14
C ALA A 243 -9.77 5.56 19.62
N ASP A 244 -10.43 5.16 20.71
CA ASP A 244 -10.16 3.84 21.26
C ASP A 244 -10.83 2.73 20.45
N GLN A 245 -12.02 3.00 19.89
CA GLN A 245 -12.76 2.02 19.12
C GLN A 245 -13.07 2.54 17.72
N PRO A 246 -13.10 1.66 16.71
CA PRO A 246 -13.47 2.10 15.36
C PRO A 246 -14.73 2.95 15.28
N ILE A 247 -15.77 2.62 16.04
CA ILE A 247 -17.01 3.39 15.97
C ILE A 247 -16.73 4.86 16.28
N GLN A 248 -15.88 5.13 17.27
CA GLN A 248 -15.57 6.51 17.62
C GLN A 248 -14.75 7.18 16.53
N ILE A 249 -13.92 6.42 15.83
CA ILE A 249 -13.13 6.97 14.73
C ILE A 249 -14.06 7.44 13.61
N TYR A 250 -15.02 6.60 13.24
CA TYR A 250 -15.91 6.92 12.12
C TYR A 250 -16.67 8.21 12.37
N GLU A 251 -17.15 8.40 13.60
N GLU A 251 -17.18 8.39 13.60
CA GLU A 251 -17.87 9.64 13.92
CA GLU A 251 -17.86 9.64 13.93
C GLU A 251 -17.01 10.86 13.66
C GLU A 251 -16.99 10.83 13.58
N LYS A 252 -15.72 10.78 13.97
CA LYS A 252 -14.83 11.92 13.74
C LYS A 252 -14.60 12.12 12.25
N ILE A 253 -14.44 11.02 11.50
CA ILE A 253 -14.20 11.13 10.07
C ILE A 253 -15.37 11.84 9.38
N VAL A 254 -16.60 11.40 9.68
CA VAL A 254 -17.73 11.97 8.96
C VAL A 254 -18.00 13.39 9.44
N SER A 255 -17.54 13.74 10.65
CA SER A 255 -17.80 15.08 11.18
C SER A 255 -17.29 16.17 10.26
N GLY A 256 -16.23 15.88 9.51
CA GLY A 256 -15.64 16.86 8.63
C GLY A 256 -14.69 17.83 9.30
N LYS A 257 -14.28 17.54 10.53
CA LYS A 257 -13.43 18.45 11.29
C LYS A 257 -12.07 17.80 11.50
N VAL A 258 -11.02 18.50 11.07
CA VAL A 258 -9.64 18.08 11.31
C VAL A 258 -8.94 19.19 12.05
N ARG A 259 -8.18 18.83 13.09
CA ARG A 259 -7.29 19.75 13.78
C ARG A 259 -5.88 19.48 13.32
N PHE A 260 -5.16 20.57 12.88
CA PHE A 260 -3.80 20.39 12.38
C PHE A 260 -2.78 20.79 13.44
N PRO A 261 -1.64 20.08 13.53
CA PRO A 261 -0.57 20.52 14.43
C PRO A 261 -0.13 21.95 14.09
N SER A 262 0.31 22.67 15.12
CA SER A 262 0.71 24.06 14.94
C SER A 262 1.93 24.20 14.05
N HIS A 263 2.69 23.12 13.85
CA HIS A 263 3.88 23.20 13.03
C HIS A 263 3.61 22.91 11.56
N PHE A 264 2.40 22.45 11.22
CA PHE A 264 2.06 22.22 9.82
C PHE A 264 2.13 23.52 9.03
N SER A 265 2.85 23.49 7.91
CA SER A 265 2.94 24.68 7.07
C SER A 265 1.57 25.03 6.49
N SER A 266 1.42 26.30 6.09
CA SER A 266 0.20 26.71 5.43
C SER A 266 -0.07 25.87 4.17
N ASP A 267 0.98 25.57 3.41
CA ASP A 267 0.78 24.77 2.20
C ASP A 267 0.31 23.36 2.54
N LEU A 268 0.90 22.74 3.56
CA LEU A 268 0.48 21.38 3.89
C LEU A 268 -0.99 21.37 4.31
N LYS A 269 -1.37 22.27 5.21
CA LYS A 269 -2.76 22.32 5.65
C LYS A 269 -3.70 22.52 4.48
N ASP A 270 -3.36 23.40 3.53
CA ASP A 270 -4.27 23.62 2.42
C ASP A 270 -4.39 22.36 1.56
N LEU A 271 -3.29 21.64 1.33
CA LEU A 271 -3.39 20.37 0.62
C LEU A 271 -4.30 19.41 1.38
N LEU A 272 -4.10 19.30 2.69
CA LEU A 272 -4.86 18.30 3.43
C LEU A 272 -6.35 18.64 3.50
N ARG A 273 -6.70 19.93 3.52
CA ARG A 273 -8.13 20.27 3.48
C ARG A 273 -8.77 19.80 2.18
N ASN A 274 -7.99 19.80 1.10
CA ASN A 274 -8.50 19.39 -0.21
C ASN A 274 -8.44 17.90 -0.43
N LEU A 275 -7.56 17.18 0.28
CA LEU A 275 -7.55 15.72 0.23
C LEU A 275 -8.52 15.13 1.25
N LEU A 276 -8.53 15.66 2.47
CA LEU A 276 -9.49 15.24 3.49
C LEU A 276 -10.77 16.06 3.36
N GLN A 277 -11.25 16.17 2.13
CA GLN A 277 -12.47 16.88 1.80
C GLN A 277 -13.62 15.88 1.93
N VAL A 278 -14.50 16.11 2.91
CA VAL A 278 -15.57 15.16 3.18
C VAL A 278 -16.48 15.04 1.97
N ASP A 279 -16.59 16.10 1.18
CA ASP A 279 -17.41 16.10 -0.05
C ASP A 279 -16.55 15.56 -1.18
N LEU A 280 -16.78 14.30 -1.56
CA LEU A 280 -15.93 13.66 -2.56
C LEU A 280 -15.93 14.43 -3.87
N THR A 281 -17.02 15.13 -4.18
CA THR A 281 -17.09 15.88 -5.43
C THR A 281 -16.20 17.11 -5.42
N LYS A 282 -15.65 17.49 -4.26
CA LYS A 282 -14.70 18.60 -4.15
C LYS A 282 -13.30 18.14 -3.77
N ARG A 283 -13.06 16.83 -3.67
CA ARG A 283 -11.78 16.30 -3.23
C ARG A 283 -10.75 16.33 -4.34
N PHE A 284 -9.56 16.88 -4.04
CA PHE A 284 -8.46 16.84 -5.00
C PHE A 284 -8.21 15.41 -5.47
N GLY A 285 -7.85 15.29 -6.74
CA GLY A 285 -7.70 14.00 -7.37
C GLY A 285 -8.98 13.47 -7.96
N ASN A 286 -10.13 14.04 -7.57
CA ASN A 286 -11.42 13.67 -8.12
C ASN A 286 -12.08 14.83 -8.86
N LEU A 287 -11.35 15.91 -9.12
CA LEU A 287 -11.89 17.05 -9.84
C LEU A 287 -11.58 16.91 -11.34
N LYS A 288 -11.97 17.94 -12.10
CA LYS A 288 -11.78 17.88 -13.55
C LYS A 288 -10.31 17.67 -13.90
N ASN A 289 -9.41 18.40 -13.25
CA ASN A 289 -7.98 18.31 -13.55
C ASN A 289 -7.32 17.08 -12.94
N GLY A 290 -8.09 16.21 -12.29
CA GLY A 290 -7.57 14.92 -11.86
C GLY A 290 -6.38 15.06 -10.92
N VAL A 291 -5.37 14.21 -11.14
CA VAL A 291 -4.21 14.18 -10.27
C VAL A 291 -3.39 15.46 -10.36
N ASN A 292 -3.55 16.23 -11.44
CA ASN A 292 -2.75 17.44 -11.62
C ASN A 292 -3.04 18.49 -10.55
N ASP A 293 -4.25 18.52 -9.99
CA ASP A 293 -4.52 19.45 -8.90
C ASP A 293 -3.59 19.17 -7.72
N ILE A 294 -3.24 17.90 -7.50
CA ILE A 294 -2.32 17.51 -6.43
C ILE A 294 -0.87 17.77 -6.82
N LYS A 295 -0.49 17.37 -8.05
CA LYS A 295 0.89 17.52 -8.48
C LYS A 295 1.31 18.98 -8.58
N ASN A 296 0.36 19.88 -8.84
CA ASN A 296 0.66 21.29 -9.01
C ASN A 296 0.37 22.13 -7.77
N HIS A 297 -0.05 21.51 -6.67
CA HIS A 297 -0.27 22.23 -5.43
C HIS A 297 1.06 22.75 -4.87
N LYS A 298 0.99 23.91 -4.20
CA LYS A 298 2.22 24.57 -3.74
C LYS A 298 3.04 23.69 -2.81
N TRP A 299 2.41 22.78 -2.06
CA TRP A 299 3.20 21.93 -1.18
C TRP A 299 4.19 21.07 -1.97
N PHE A 300 3.86 20.76 -3.22
CA PHE A 300 4.72 19.95 -4.07
C PHE A 300 5.53 20.78 -5.06
N ALA A 301 5.62 22.10 -4.83
CA ALA A 301 6.29 22.97 -5.79
C ALA A 301 7.73 22.51 -6.04
N THR A 302 8.42 22.08 -4.99
CA THR A 302 9.83 21.72 -5.11
C THR A 302 10.04 20.28 -5.57
N THR A 303 8.97 19.53 -5.80
CA THR A 303 9.08 18.12 -6.16
C THR A 303 9.39 17.99 -7.64
N ASP A 304 10.40 17.20 -7.95
CA ASP A 304 10.78 16.88 -9.32
C ASP A 304 10.16 15.53 -9.63
N TRP A 305 8.93 15.55 -10.16
CA TRP A 305 8.17 14.31 -10.36
C TRP A 305 8.93 13.35 -11.25
N ILE A 306 9.61 13.87 -12.28
CA ILE A 306 10.41 13.03 -13.16
C ILE A 306 11.54 12.37 -12.38
N ALA A 307 12.26 13.15 -11.58
CA ALA A 307 13.36 12.58 -10.80
C ALA A 307 12.85 11.58 -9.77
N ILE A 308 11.67 11.84 -9.18
CA ILE A 308 11.11 10.86 -8.26
C ILE A 308 10.85 9.55 -8.99
N TYR A 309 10.12 9.62 -10.12
CA TYR A 309 9.82 8.41 -10.87
C TYR A 309 11.08 7.61 -11.19
N GLN A 310 12.11 8.30 -11.67
CA GLN A 310 13.37 7.66 -12.05
C GLN A 310 14.26 7.35 -10.85
N ARG A 311 13.80 7.61 -9.63
CA ARG A 311 14.54 7.29 -8.41
C ARG A 311 15.89 8.02 -8.36
N LYS A 312 15.91 9.26 -8.86
CA LYS A 312 17.12 10.06 -8.86
C LYS A 312 17.29 10.93 -7.61
N VAL A 313 16.22 11.17 -6.86
CA VAL A 313 16.31 12.01 -5.66
C VAL A 313 16.98 11.20 -4.54
N GLU A 314 17.91 11.84 -3.83
CA GLU A 314 18.52 11.20 -2.67
C GLU A 314 17.49 11.10 -1.56
N ALA A 315 17.33 9.89 -1.02
CA ALA A 315 16.32 9.65 -0.01
C ALA A 315 16.68 10.37 1.29
N PRO A 316 15.68 10.88 2.03
CA PRO A 316 15.99 11.53 3.31
C PRO A 316 16.34 10.56 4.41
N PHE A 317 16.06 9.27 4.24
CA PHE A 317 16.28 8.26 5.27
C PHE A 317 16.58 6.95 4.58
N ILE A 318 17.69 6.32 4.97
CA ILE A 318 18.01 4.99 4.48
C ILE A 318 18.13 4.10 5.72
N PRO A 319 17.25 3.13 5.91
CA PRO A 319 17.40 2.23 7.05
C PRO A 319 18.80 1.61 7.07
N LYS A 320 19.31 1.39 8.28
CA LYS A 320 20.68 0.95 8.45
C LYS A 320 20.91 -0.40 7.76
N PHE A 321 21.81 -0.42 6.78
CA PHE A 321 22.09 -1.64 6.03
C PHE A 321 22.86 -2.63 6.91
N LYS A 322 22.23 -3.76 7.19
CA LYS A 322 22.88 -4.83 7.95
C LYS A 322 22.88 -6.11 7.12
N GLY A 325 19.66 -9.79 3.80
CA GLY A 325 19.58 -10.90 4.73
C GLY A 325 19.07 -10.59 6.14
N ASP A 326 19.28 -9.35 6.61
CA ASP A 326 18.99 -9.03 7.99
C ASP A 326 17.49 -9.11 8.30
N THR A 327 17.19 -9.37 9.59
CA THR A 327 15.82 -9.59 10.07
C THR A 327 15.38 -8.59 11.14
N SER A 328 16.21 -7.59 11.47
CA SER A 328 16.02 -6.83 12.70
C SER A 328 14.81 -5.92 12.67
N ASN A 329 14.37 -5.49 11.49
CA ASN A 329 13.20 -4.63 11.36
C ASN A 329 11.88 -5.40 11.40
N PHE A 330 11.92 -6.70 11.62
CA PHE A 330 10.74 -7.53 11.76
C PHE A 330 10.77 -8.20 13.13
N ASP A 331 9.59 -8.55 13.62
CA ASP A 331 9.46 -9.15 14.94
C ASP A 331 9.74 -10.64 14.91
N ASP A 332 9.76 -11.26 16.09
CA ASP A 332 10.07 -12.68 16.24
C ASP A 332 8.78 -13.47 16.40
N TYR A 333 8.68 -14.58 15.67
CA TYR A 333 7.47 -15.40 15.67
C TYR A 333 7.85 -16.85 15.91
N GLU A 334 6.93 -17.59 16.54
CA GLU A 334 7.14 -19.00 16.76
C GLU A 334 7.16 -19.72 15.41
N GLU A 335 8.26 -20.39 15.12
CA GLU A 335 8.40 -21.04 13.83
C GLU A 335 7.59 -22.33 13.82
N GLU A 336 6.77 -22.49 12.78
CA GLU A 336 5.94 -23.67 12.61
C GLU A 336 6.17 -24.26 11.23
N GLU A 337 5.81 -25.53 11.07
CA GLU A 337 5.97 -26.22 9.80
C GLU A 337 4.98 -25.68 8.76
N ILE A 338 5.38 -25.76 7.50
CA ILE A 338 4.46 -25.54 6.39
C ILE A 338 3.81 -26.88 6.09
N ARG A 339 2.50 -26.98 6.32
CA ARG A 339 1.80 -28.26 6.18
C ARG A 339 1.24 -28.42 4.76
N VAL A 340 1.56 -29.55 4.14
CA VAL A 340 1.05 -29.87 2.81
C VAL A 340 0.33 -31.21 2.87
N ILE A 342 -1.78 -34.61 1.87
CA ILE A 342 -1.64 -35.61 0.83
C ILE A 342 -2.84 -35.54 -0.11
N ASN A 343 -3.83 -34.71 0.25
CA ASN A 343 -5.03 -34.50 -0.54
C ASN A 343 -5.11 -33.04 -0.98
N GLU A 344 -5.67 -32.83 -2.17
CA GLU A 344 -5.82 -31.49 -2.72
C GLU A 344 -7.02 -30.81 -2.07
N LYS A 345 -6.82 -29.59 -1.56
CA LYS A 345 -7.89 -28.84 -0.92
C LYS A 345 -8.30 -27.67 -1.80
N CYS A 346 -9.60 -27.40 -1.86
CA CYS A 346 -10.11 -26.18 -2.48
C CYS A 346 -9.56 -26.00 -3.89
N GLY A 347 -9.46 -27.11 -4.63
CA GLY A 347 -8.90 -27.05 -5.97
C GLY A 347 -9.71 -26.16 -6.89
N LYS A 348 -11.04 -26.26 -6.81
CA LYS A 348 -11.92 -25.46 -7.66
C LYS A 348 -11.81 -23.98 -7.34
N GLU A 349 -11.71 -23.62 -6.07
CA GLU A 349 -11.68 -22.21 -5.72
C GLU A 349 -10.47 -21.50 -6.32
N PHE A 350 -9.32 -22.19 -6.41
CA PHE A 350 -8.05 -21.54 -6.77
C PHE A 350 -7.47 -22.05 -8.08
N THR A 351 -8.31 -22.44 -9.04
CA THR A 351 -7.81 -22.94 -10.31
C THR A 351 -6.96 -21.89 -11.02
N GLU A 352 -7.38 -20.63 -11.00
CA GLU A 352 -6.72 -19.58 -11.78
C GLU A 352 -5.37 -19.17 -11.18
N PHE A 353 -5.11 -19.51 -9.93
CA PHE A 353 -3.90 -19.07 -9.25
C PHE A 353 -2.67 -19.77 -9.80
N THR B 1 -1.05 16.74 25.37
CA THR B 1 -1.09 17.05 23.94
C THR B 1 -1.81 15.96 23.14
N THR B 2 -2.14 16.29 21.89
CA THR B 2 -2.78 15.29 21.05
C THR B 2 -1.90 14.06 20.88
N THR B 3 -0.61 14.25 20.62
CA THR B 3 0.27 13.09 20.44
C THR B 3 0.27 12.21 21.67
N ALA B 4 0.25 12.81 22.87
CA ALA B 4 0.19 12.02 24.09
C ALA B 4 -1.10 11.23 24.18
N ASP B 5 -2.23 11.85 23.83
CA ASP B 5 -3.48 11.10 23.81
C ASP B 5 -3.38 9.91 22.85
N PHE B 6 -2.74 10.11 21.69
CA PHE B 6 -2.57 9.01 20.75
C PHE B 6 -1.64 7.94 21.32
N ILE B 7 -0.47 8.36 21.82
CA ILE B 7 0.48 7.41 22.38
C ILE B 7 -0.17 6.60 23.51
N ALA B 8 -1.18 7.16 24.16
CA ALA B 8 -1.92 6.46 25.22
C ALA B 8 -3.18 5.76 24.70
N SER B 9 -3.41 5.76 23.38
CA SER B 9 -4.71 5.42 22.81
C SER B 9 -4.96 3.92 22.66
N GLY B 10 -3.94 3.09 22.73
CA GLY B 10 -4.13 1.67 22.48
C GLY B 10 -4.27 1.28 21.02
N ARG B 11 -4.47 2.22 20.09
CA ARG B 11 -4.41 1.92 18.67
C ARG B 11 -3.10 2.43 18.05
N THR B 12 -2.00 2.13 18.74
CA THR B 12 -0.68 2.58 18.33
C THR B 12 0.13 1.50 17.62
N GLY B 13 -0.31 0.23 17.67
CA GLY B 13 0.33 -0.84 16.93
C GLY B 13 -0.23 -0.96 15.53
N ARG B 14 0.26 -1.97 14.81
CA ARG B 14 -0.20 -2.20 13.45
C ARG B 14 -1.71 -2.41 13.43
N ARG B 15 -2.38 -1.83 12.46
CA ARG B 15 -3.83 -1.79 12.43
C ARG B 15 -4.36 -2.80 11.39
N ASP B 16 -5.29 -3.64 11.84
CA ASP B 16 -5.93 -4.62 10.98
C ASP B 16 -6.99 -3.97 10.10
N ALA B 17 -7.21 -4.58 8.94
CA ALA B 17 -8.35 -4.23 8.12
C ALA B 17 -9.63 -4.66 8.85
N ILE B 18 -10.72 -3.97 8.55
CA ILE B 18 -12.01 -4.31 9.13
C ILE B 18 -12.54 -5.60 8.51
#